data_8SCV
#
_entry.id   8SCV
#
_cell.length_a   86.289
_cell.length_b   103.754
_cell.length_c   139.753
_cell.angle_alpha   90.00
_cell.angle_beta   90.00
_cell.angle_gamma   90.00
#
_symmetry.space_group_name_H-M   'I 2 2 2'
#
loop_
_entity.id
_entity.type
_entity.pdbx_description
1 polymer 'Interleukin-1 receptor-associated kinase 4'
2 polymer 'Interleukin-1 receptor-associated kinase 4'
3 non-polymer 6-[(5-cyanopyrimidin-2-yl)amino]-N-[(2R)-2-fluoro-3-hydroxy-3-methylbutyl]-4-[(propan-2-yl)amino]pyridine-3-carboxamide
4 non-polymer 'SULFATE ION'
5 water water
#
loop_
_entity_poly.entity_id
_entity_poly.type
_entity_poly.pdbx_seq_one_letter_code
_entity_poly.pdbx_strand_id
1 'polypeptide(L)'
;GAMGVSDTRFHSFSFYELKNVTNNFDERPISVGGNKMGEGGFGVVYKGYVNNTTVAVKKLAAMVDITTEELKQQFDQEIK
VMAKCQHENLVELLGFSSDGDDLCLVYVYMPNGSLLDRLSCLDGTPPL(SEP)WHMRCKIAQGAANGINFLHENHHIHRD
IKSANILLDEAFTAKISDFGLARASEKFAQTVM(TPO)(SEP)RIVGTTAYMAPEALRGEITPKSDIYSFGVVLLEIITG
LPAVDEHREPQLLLDIKEEIEDEEKTIEDYIDKKMNDADSTSVEAMYSVASQCLHEKKNKRPDIKKVQQLLQEMTAS
;
A
2 'polypeptide(L)'
;GAMGVSDTRFHSFSFYELKNVTNNFDERPISVGGNKMGEGGFGVVYKGYVNNTTVAVKKLAAMVDITTEELKQQFDQEIK
VMAKCQHENLVELLGFSSDGDDLCLVYVYMPNGSLLDRLSCLDGTPPLSWHMRCKIAQGAANGINFLHENHHIHRDIKSA
NILLDEAFTAKISDFGLARASEKFAQTVM(TPO)(SEP)RIVGTTAYMAPEALRGEITPKSDIYSFGVVLLEIITGLPAV
DEHREPQLLLDIKEEIEDEEKTIEDYIDKKMNDADSTSVEAMYSVASQCLHEKKNKRPDIKKVQQLLQEMTAS
;
B
#
loop_
_chem_comp.id
_chem_comp.type
_chem_comp.name
_chem_comp.formula
SO4 non-polymer 'SULFATE ION' 'O4 S -2'
ZVG non-polymer 6-[(5-cyanopyrimidin-2-yl)amino]-N-[(2R)-2-fluoro-3-hydroxy-3-methylbutyl]-4-[(propan-2-yl)amino]pyridine-3-carboxamide 'C19 H24 F N7 O2'
#
# COMPACT_ATOMS: atom_id res chain seq x y z
N THR A 8 2.80 -13.74 -35.41
CA THR A 8 2.48 -12.77 -36.44
C THR A 8 0.97 -12.73 -36.79
N ARG A 9 0.41 -13.80 -37.40
CA ARG A 9 -1.03 -13.81 -37.72
C ARG A 9 -1.88 -14.29 -36.54
N PHE A 10 -2.78 -13.41 -36.10
CA PHE A 10 -3.61 -13.64 -34.93
C PHE A 10 -4.91 -14.37 -35.18
N HIS A 11 -5.33 -15.13 -34.16
CA HIS A 11 -6.58 -15.87 -34.14
C HIS A 11 -7.76 -14.90 -34.05
N SER A 12 -8.79 -15.10 -34.89
CA SER A 12 -9.97 -14.25 -34.84
C SER A 12 -11.06 -14.95 -34.02
N PHE A 13 -11.39 -14.38 -32.86
CA PHE A 13 -12.43 -14.91 -32.00
C PHE A 13 -13.72 -14.23 -32.39
N SER A 14 -14.84 -14.85 -32.08
CA SER A 14 -16.14 -14.20 -32.34
C SER A 14 -16.60 -13.56 -31.04
N PHE A 15 -17.19 -12.38 -31.11
CA PHE A 15 -17.68 -11.69 -29.92
C PHE A 15 -18.41 -12.60 -28.92
N TYR A 16 -19.31 -13.47 -29.43
CA TYR A 16 -20.11 -14.37 -28.61
C TYR A 16 -19.31 -15.41 -27.87
N GLU A 17 -18.12 -15.76 -28.37
CA GLU A 17 -17.25 -16.72 -27.67
C GLU A 17 -16.72 -16.00 -26.42
N LEU A 18 -16.31 -14.72 -26.59
CA LEU A 18 -15.75 -13.88 -25.55
C LEU A 18 -16.71 -13.50 -24.42
N LYS A 19 -18.00 -13.27 -24.75
CA LYS A 19 -19.07 -13.00 -23.81
C LYS A 19 -19.19 -14.16 -22.79
N ASN A 20 -19.25 -15.41 -23.31
CA ASN A 20 -19.39 -16.65 -22.55
C ASN A 20 -18.23 -16.93 -21.58
N VAL A 21 -17.01 -16.69 -22.07
CA VAL A 21 -15.73 -16.91 -21.42
C VAL A 21 -15.48 -15.88 -20.30
N THR A 22 -16.20 -14.72 -20.36
CA THR A 22 -16.07 -13.64 -19.39
C THR A 22 -17.32 -13.46 -18.51
N ASN A 23 -18.25 -14.46 -18.51
CA ASN A 23 -19.52 -14.45 -17.79
C ASN A 23 -20.33 -13.20 -18.17
N ASN A 24 -20.51 -13.04 -19.50
CA ASN A 24 -21.19 -11.93 -20.17
C ASN A 24 -20.57 -10.59 -19.76
N PHE A 25 -19.23 -10.50 -19.88
CA PHE A 25 -18.43 -9.35 -19.49
C PHE A 25 -18.85 -8.83 -18.13
N ASP A 26 -18.77 -9.70 -17.12
CA ASP A 26 -19.15 -9.38 -15.74
C ASP A 26 -18.16 -8.32 -15.17
N GLU A 27 -18.62 -7.07 -15.20
CA GLU A 27 -17.90 -5.87 -14.78
C GLU A 27 -17.53 -5.73 -13.30
N ARG A 28 -18.11 -6.57 -12.42
CA ARG A 28 -17.75 -6.54 -11.01
C ARG A 28 -16.28 -7.01 -10.83
N PRO A 29 -15.50 -6.46 -9.88
CA PRO A 29 -14.11 -6.93 -9.72
C PRO A 29 -14.03 -8.40 -9.35
N ILE A 30 -12.95 -9.05 -9.79
CA ILE A 30 -12.66 -10.44 -9.47
C ILE A 30 -12.71 -10.64 -7.93
N SER A 31 -12.44 -9.56 -7.15
CA SER A 31 -12.48 -9.47 -5.69
C SER A 31 -13.89 -9.69 -5.10
N VAL A 32 -14.95 -9.40 -5.88
CA VAL A 32 -16.34 -9.53 -5.46
C VAL A 32 -17.06 -10.53 -6.34
N GLY A 33 -16.30 -11.42 -6.97
CA GLY A 33 -16.82 -12.49 -7.81
C GLY A 33 -17.22 -12.14 -9.25
N GLY A 34 -16.62 -11.09 -9.80
CA GLY A 34 -16.84 -10.67 -11.18
C GLY A 34 -15.68 -11.12 -12.07
N ASN A 35 -15.53 -10.49 -13.25
CA ASN A 35 -14.43 -10.83 -14.17
C ASN A 35 -13.48 -9.66 -14.41
N LYS A 36 -13.79 -8.51 -13.81
CA LYS A 36 -12.98 -7.33 -14.00
C LYS A 36 -11.64 -7.36 -13.26
N MET A 37 -10.55 -7.26 -14.04
CA MET A 37 -9.18 -7.22 -13.56
C MET A 37 -8.61 -5.78 -13.56
N GLY A 38 -9.20 -4.89 -14.36
CA GLY A 38 -8.76 -3.51 -14.43
C GLY A 38 -9.40 -2.76 -15.56
N GLU A 39 -9.13 -1.45 -15.61
CA GLU A 39 -9.64 -0.55 -16.63
C GLU A 39 -8.71 0.62 -16.84
N GLY A 40 -8.78 1.16 -18.04
CA GLY A 40 -8.05 2.33 -18.46
C GLY A 40 -9.06 3.25 -19.10
N GLY A 41 -8.57 4.30 -19.75
CA GLY A 41 -9.42 5.26 -20.40
C GLY A 41 -10.09 4.75 -21.66
N PHE A 42 -9.44 3.79 -22.36
CA PHE A 42 -9.90 3.24 -23.64
C PHE A 42 -10.46 1.83 -23.58
N GLY A 43 -10.62 1.26 -22.38
CA GLY A 43 -11.15 -0.09 -22.24
C GLY A 43 -11.11 -0.72 -20.87
N VAL A 44 -11.78 -1.87 -20.74
CA VAL A 44 -11.87 -2.66 -19.51
C VAL A 44 -11.30 -4.04 -19.79
N VAL A 45 -10.46 -4.56 -18.87
CA VAL A 45 -9.81 -5.87 -18.97
C VAL A 45 -10.55 -6.91 -18.10
N TYR A 46 -10.87 -8.06 -18.69
CA TYR A 46 -11.60 -9.15 -18.03
C TYR A 46 -10.81 -10.45 -17.99
N LYS A 47 -11.04 -11.26 -16.96
CA LYS A 47 -10.50 -12.60 -16.86
C LYS A 47 -11.37 -13.51 -17.75
N GLY A 48 -10.71 -14.40 -18.45
CA GLY A 48 -11.35 -15.33 -19.37
C GLY A 48 -10.72 -16.70 -19.33
N TYR A 49 -11.52 -17.71 -19.74
CA TYR A 49 -11.12 -19.10 -19.79
CA TYR A 49 -11.08 -19.10 -19.81
C TYR A 49 -11.44 -19.66 -21.17
N VAL A 50 -10.54 -19.45 -22.15
CA VAL A 50 -10.66 -19.92 -23.55
C VAL A 50 -9.84 -21.20 -23.75
N ASN A 51 -10.50 -22.31 -24.19
CA ASN A 51 -9.90 -23.59 -24.56
C ASN A 51 -8.70 -23.97 -23.71
N ASN A 52 -8.95 -24.27 -22.44
CA ASN A 52 -7.95 -24.64 -21.44
C ASN A 52 -6.95 -23.55 -21.02
N THR A 53 -7.05 -22.33 -21.61
CA THR A 53 -6.17 -21.21 -21.34
C THR A 53 -6.84 -20.05 -20.57
N THR A 54 -6.29 -19.65 -19.37
CA THR A 54 -6.75 -18.41 -18.72
C THR A 54 -6.20 -17.25 -19.57
N VAL A 55 -7.09 -16.29 -19.91
CA VAL A 55 -6.75 -15.15 -20.76
C VAL A 55 -7.21 -13.83 -20.19
N ALA A 56 -6.63 -12.73 -20.73
CA ALA A 56 -7.00 -11.35 -20.41
C ALA A 56 -7.69 -10.77 -21.66
N VAL A 57 -8.97 -10.40 -21.52
CA VAL A 57 -9.77 -9.87 -22.62
C VAL A 57 -9.94 -8.38 -22.41
N LYS A 58 -9.33 -7.56 -23.28
CA LYS A 58 -9.50 -6.11 -23.20
C LYS A 58 -10.61 -5.71 -24.20
N LYS A 59 -11.75 -5.23 -23.66
CA LYS A 59 -12.87 -4.78 -24.47
C LYS A 59 -12.83 -3.24 -24.50
N LEU A 60 -12.40 -2.70 -25.66
CA LEU A 60 -12.29 -1.26 -25.97
C LEU A 60 -13.59 -0.52 -25.64
N ALA A 61 -13.51 0.68 -25.04
CA ALA A 61 -14.69 1.48 -24.68
C ALA A 61 -14.34 2.91 -24.29
N ALA A 62 -15.26 3.84 -24.61
CA ALA A 62 -15.12 5.25 -24.28
C ALA A 62 -15.37 5.47 -22.79
N MET A 63 -14.27 5.78 -22.05
CA MET A 63 -14.30 6.04 -20.60
C MET A 63 -13.76 7.45 -20.30
N ILE A 66 -14.29 10.00 -22.90
CA ILE A 66 -14.68 10.68 -24.13
C ILE A 66 -13.64 10.52 -25.25
N THR A 67 -13.94 9.57 -26.14
CA THR A 67 -13.21 9.16 -27.34
C THR A 67 -14.30 8.69 -28.33
N THR A 68 -14.08 8.84 -29.63
CA THR A 68 -15.08 8.45 -30.62
C THR A 68 -14.92 7.07 -31.21
N GLU A 69 -13.84 6.89 -31.96
CA GLU A 69 -13.67 5.68 -32.74
C GLU A 69 -12.94 5.92 -34.01
N GLU A 70 -11.73 6.45 -34.02
CA GLU A 70 -10.79 6.73 -32.91
C GLU A 70 -10.36 5.52 -32.09
N LEU A 71 -11.35 4.79 -31.54
CA LEU A 71 -11.18 3.55 -30.80
C LEU A 71 -10.71 2.47 -31.76
N LYS A 72 -11.34 2.36 -32.96
CA LYS A 72 -10.98 1.42 -34.03
C LYS A 72 -9.57 1.69 -34.57
N GLN A 73 -9.13 2.97 -34.55
CA GLN A 73 -7.79 3.39 -34.98
C GLN A 73 -6.74 2.77 -34.06
N GLN A 74 -7.02 2.76 -32.73
CA GLN A 74 -6.17 2.18 -31.70
C GLN A 74 -6.17 0.65 -31.80
N PHE A 75 -7.31 0.07 -32.23
CA PHE A 75 -7.48 -1.38 -32.40
C PHE A 75 -6.55 -1.89 -33.51
N ASP A 76 -6.57 -1.22 -34.67
CA ASP A 76 -5.73 -1.52 -35.83
C ASP A 76 -4.26 -1.31 -35.51
N GLN A 77 -3.98 -0.30 -34.68
CA GLN A 77 -2.63 0.05 -34.24
C GLN A 77 -2.10 -0.98 -33.25
N GLU A 78 -2.93 -1.44 -32.30
CA GLU A 78 -2.52 -2.47 -31.32
C GLU A 78 -2.10 -3.75 -32.05
N ILE A 79 -2.93 -4.23 -33.02
CA ILE A 79 -2.63 -5.42 -33.81
C ILE A 79 -1.37 -5.25 -34.67
N LYS A 80 -1.24 -4.09 -35.37
CA LYS A 80 -0.11 -3.74 -36.24
C LYS A 80 1.23 -3.76 -35.49
N VAL A 81 1.25 -3.24 -34.25
CA VAL A 81 2.48 -3.23 -33.46
C VAL A 81 2.77 -4.63 -32.87
N MET A 82 1.69 -5.34 -32.48
CA MET A 82 1.73 -6.68 -31.91
C MET A 82 2.27 -7.71 -32.89
N ALA A 83 1.97 -7.52 -34.19
CA ALA A 83 2.40 -8.39 -35.28
C ALA A 83 3.91 -8.27 -35.52
N LYS A 84 4.45 -7.05 -35.38
CA LYS A 84 5.87 -6.78 -35.60
C LYS A 84 6.71 -6.87 -34.33
N CYS A 85 6.13 -6.56 -33.16
CA CYS A 85 6.85 -6.56 -31.88
C CYS A 85 6.46 -7.69 -30.90
N GLN A 86 7.25 -8.79 -30.90
CA GLN A 86 7.10 -9.92 -29.99
C GLN A 86 8.43 -10.04 -29.27
N HIS A 87 8.43 -10.06 -27.93
CA HIS A 87 9.63 -10.07 -27.09
C HIS A 87 9.33 -10.54 -25.68
N GLU A 88 10.35 -11.03 -24.98
CA GLU A 88 10.35 -11.54 -23.59
C GLU A 88 9.79 -10.50 -22.58
N ASN A 89 10.00 -9.19 -22.87
CA ASN A 89 9.53 -8.12 -21.99
C ASN A 89 8.37 -7.32 -22.56
N LEU A 90 7.54 -7.99 -23.39
CA LEU A 90 6.32 -7.41 -23.93
C LEU A 90 5.22 -8.44 -23.79
N VAL A 91 3.98 -7.99 -23.58
CA VAL A 91 2.81 -8.88 -23.53
C VAL A 91 2.64 -9.56 -24.90
N GLU A 92 1.93 -10.69 -24.90
CA GLU A 92 1.67 -11.47 -26.09
C GLU A 92 0.17 -11.49 -26.38
N LEU A 93 -0.22 -11.06 -27.58
CA LEU A 93 -1.60 -11.05 -28.08
C LEU A 93 -1.92 -12.43 -28.69
N LEU A 94 -3.03 -13.00 -28.29
CA LEU A 94 -3.38 -14.31 -28.79
C LEU A 94 -4.43 -14.17 -29.88
N GLY A 95 -5.28 -13.14 -29.75
CA GLY A 95 -6.35 -12.88 -30.70
C GLY A 95 -7.11 -11.58 -30.53
N PHE A 96 -8.15 -11.42 -31.38
CA PHE A 96 -9.00 -10.23 -31.47
C PHE A 96 -10.43 -10.57 -31.89
N SER A 97 -11.31 -9.57 -31.83
CA SER A 97 -12.73 -9.61 -32.17
C SER A 97 -13.15 -8.23 -32.65
N SER A 98 -13.76 -8.15 -33.85
CA SER A 98 -14.24 -6.89 -34.43
C SER A 98 -15.74 -6.63 -34.23
N ASP A 99 -16.62 -7.61 -34.59
CA ASP A 99 -18.09 -7.58 -34.47
C ASP A 99 -18.73 -6.26 -33.98
N GLY A 100 -19.16 -5.44 -34.93
CA GLY A 100 -19.78 -4.16 -34.69
C GLY A 100 -18.85 -3.15 -34.02
N ASP A 101 -19.42 -2.41 -33.05
CA ASP A 101 -18.69 -1.41 -32.26
C ASP A 101 -17.98 -2.09 -31.08
N ASP A 102 -18.27 -3.39 -30.85
CA ASP A 102 -17.68 -4.17 -29.76
C ASP A 102 -16.31 -4.77 -30.16
N LEU A 103 -15.21 -4.08 -29.78
CA LEU A 103 -13.86 -4.49 -30.12
C LEU A 103 -13.11 -5.09 -28.94
N CYS A 104 -12.60 -6.32 -29.11
CA CYS A 104 -11.87 -7.06 -28.08
C CYS A 104 -10.48 -7.51 -28.50
N LEU A 105 -9.53 -7.54 -27.56
CA LEU A 105 -8.16 -8.03 -27.74
C LEU A 105 -7.88 -9.08 -26.64
N VAL A 106 -7.42 -10.28 -27.03
CA VAL A 106 -7.16 -11.39 -26.12
C VAL A 106 -5.67 -11.53 -25.89
N TYR A 107 -5.26 -11.47 -24.61
CA TYR A 107 -3.84 -11.56 -24.26
C TYR A 107 -3.55 -12.72 -23.37
N VAL A 108 -2.27 -12.88 -23.08
CA VAL A 108 -1.84 -13.88 -22.13
C VAL A 108 -2.12 -13.32 -20.72
N TYR A 109 -2.76 -14.17 -19.88
CA TYR A 109 -3.10 -13.85 -18.50
C TYR A 109 -1.85 -13.68 -17.64
N MET A 110 -1.68 -12.51 -17.03
CA MET A 110 -0.55 -12.19 -16.16
C MET A 110 -0.92 -12.45 -14.67
N PRO A 111 -0.36 -13.54 -14.09
CA PRO A 111 -0.72 -13.92 -12.72
C PRO A 111 -0.38 -12.87 -11.66
N ASN A 112 0.59 -11.98 -11.94
CA ASN A 112 0.90 -10.92 -10.98
C ASN A 112 0.38 -9.52 -11.34
N GLY A 113 -0.58 -9.45 -12.27
CA GLY A 113 -1.20 -8.21 -12.73
C GLY A 113 -0.22 -7.12 -13.13
N SER A 114 -0.53 -5.87 -12.73
CA SER A 114 0.33 -4.72 -13.03
C SER A 114 1.25 -4.33 -11.88
N LEU A 115 2.37 -3.66 -12.24
CA LEU A 115 3.35 -3.13 -11.30
C LEU A 115 2.66 -2.15 -10.35
N LEU A 116 1.78 -1.28 -10.90
CA LEU A 116 1.00 -0.31 -10.12
C LEU A 116 0.23 -1.04 -9.01
N ASP A 117 -0.47 -2.12 -9.36
CA ASP A 117 -1.26 -2.87 -8.38
C ASP A 117 -0.41 -3.63 -7.35
N ARG A 118 0.79 -4.11 -7.74
CA ARG A 118 1.69 -4.78 -6.82
C ARG A 118 2.40 -3.81 -5.87
N LEU A 119 2.74 -2.61 -6.34
CA LEU A 119 3.34 -1.59 -5.48
C LEU A 119 2.33 -1.08 -4.39
N SER A 120 1.02 -1.17 -4.68
CA SER A 120 0.00 -0.76 -3.73
C SER A 120 -0.56 -1.97 -2.97
N CYS A 121 -0.05 -3.19 -3.28
CA CYS A 121 -0.43 -4.45 -2.63
C CYS A 121 -1.91 -4.73 -2.79
N LEU A 122 -2.46 -4.36 -3.95
CA LEU A 122 -3.87 -4.58 -4.27
C LEU A 122 -4.22 -6.04 -4.14
N ASP A 123 -5.32 -6.31 -3.43
CA ASP A 123 -5.86 -7.66 -3.17
C ASP A 123 -5.04 -8.56 -2.23
N GLY A 124 -4.30 -7.95 -1.30
CA GLY A 124 -3.53 -8.71 -0.32
C GLY A 124 -2.22 -9.28 -0.81
N THR A 125 -1.71 -8.83 -1.95
CA THR A 125 -0.42 -9.34 -2.41
C THR A 125 0.72 -8.83 -1.51
N PRO A 126 1.66 -9.68 -1.06
CA PRO A 126 2.77 -9.16 -0.23
C PRO A 126 3.61 -8.09 -0.94
N PRO A 127 4.21 -7.10 -0.24
CA PRO A 127 5.03 -6.08 -0.95
C PRO A 127 6.17 -6.69 -1.75
N LEU A 128 6.54 -6.08 -2.89
CA LEU A 128 7.66 -6.54 -3.73
C LEU A 128 9.01 -6.24 -3.07
N SEP A 129 9.89 -7.26 -2.99
CA SEP A 129 11.26 -7.16 -2.46
CB SEP A 129 12.04 -8.57 -2.33
OG SEP A 129 12.33 -9.61 -3.42
C SEP A 129 12.06 -6.20 -3.35
O SEP A 129 11.77 -6.14 -4.57
P SEP A 129 12.79 -11.27 -3.07
O1P SEP A 129 11.57 -12.22 -3.05
O2P SEP A 129 13.65 -11.59 -1.80
O3P SEP A 129 13.66 -11.87 -4.22
N TRP A 130 13.04 -5.44 -2.78
CA TRP A 130 13.90 -4.55 -3.58
C TRP A 130 14.58 -5.36 -4.67
N HIS A 131 14.85 -6.63 -4.38
CA HIS A 131 15.43 -7.59 -5.32
C HIS A 131 14.54 -7.74 -6.57
N MET A 132 13.21 -7.94 -6.38
CA MET A 132 12.29 -8.05 -7.50
C MET A 132 12.08 -6.74 -8.25
N ARG A 133 12.12 -5.63 -7.50
CA ARG A 133 11.99 -4.28 -8.03
C ARG A 133 13.10 -3.95 -9.04
N CYS A 134 14.35 -4.38 -8.75
CA CYS A 134 15.49 -4.22 -9.65
C CYS A 134 15.34 -5.10 -10.88
N LYS A 135 14.79 -6.31 -10.71
CA LYS A 135 14.54 -7.25 -11.81
C LYS A 135 13.50 -6.63 -12.76
N ILE A 136 12.42 -6.06 -12.18
CA ILE A 136 11.33 -5.40 -12.92
C ILE A 136 11.86 -4.21 -13.71
N ALA A 137 12.57 -3.30 -13.03
CA ALA A 137 13.17 -2.13 -13.65
C ALA A 137 14.00 -2.51 -14.87
N GLN A 138 14.81 -3.61 -14.76
CA GLN A 138 15.66 -4.14 -15.84
C GLN A 138 14.83 -4.63 -17.01
N GLY A 139 13.89 -5.51 -16.72
CA GLY A 139 12.98 -6.09 -17.70
C GLY A 139 12.17 -5.04 -18.42
N ALA A 140 11.61 -4.07 -17.67
CA ALA A 140 10.85 -2.97 -18.25
C ALA A 140 11.72 -2.15 -19.20
N ALA A 141 12.97 -1.84 -18.80
CA ALA A 141 13.92 -1.12 -19.65
C ALA A 141 14.27 -1.88 -20.93
N ASN A 142 14.40 -3.23 -20.86
CA ASN A 142 14.70 -4.09 -22.01
C ASN A 142 13.60 -4.09 -23.06
N GLY A 143 12.35 -4.06 -22.58
CA GLY A 143 11.15 -4.01 -23.41
C GLY A 143 11.09 -2.71 -24.19
N ILE A 144 11.46 -1.59 -23.52
CA ILE A 144 11.49 -0.26 -24.15
C ILE A 144 12.61 -0.22 -25.21
N ASN A 145 13.74 -0.89 -24.92
CA ASN A 145 14.87 -0.98 -25.84
C ASN A 145 14.48 -1.71 -27.10
N PHE A 146 13.78 -2.85 -26.96
CA PHE A 146 13.32 -3.60 -28.11
C PHE A 146 12.37 -2.77 -29.00
N LEU A 147 11.46 -1.99 -28.38
CA LEU A 147 10.50 -1.14 -29.09
C LEU A 147 11.20 -0.04 -29.85
N HIS A 148 12.20 0.59 -29.22
CA HIS A 148 12.99 1.67 -29.81
C HIS A 148 13.89 1.17 -30.95
N GLU A 149 14.59 0.02 -30.73
CA GLU A 149 15.43 -0.65 -31.74
C GLU A 149 14.61 -0.97 -33.00
N ASN A 150 13.29 -1.16 -32.83
CA ASN A 150 12.34 -1.48 -33.89
C ASN A 150 11.57 -0.25 -34.37
N HIS A 151 12.14 0.95 -34.09
CA HIS A 151 11.61 2.26 -34.51
C HIS A 151 10.17 2.46 -34.09
N HIS A 152 9.89 2.23 -32.80
CA HIS A 152 8.58 2.36 -32.16
C HIS A 152 8.64 3.15 -30.86
N ILE A 153 7.66 4.04 -30.67
CA ILE A 153 7.48 4.88 -29.46
C ILE A 153 6.21 4.36 -28.81
N HIS A 154 6.30 4.03 -27.50
CA HIS A 154 5.16 3.48 -26.76
C HIS A 154 4.07 4.51 -26.53
N ARG A 155 4.47 5.73 -26.09
CA ARG A 155 3.58 6.88 -25.83
C ARG A 155 2.72 6.77 -24.51
N ASP A 156 2.69 5.60 -23.85
CA ASP A 156 1.89 5.39 -22.63
C ASP A 156 2.63 4.59 -21.54
N ILE A 157 3.93 4.82 -21.39
CA ILE A 157 4.75 4.19 -20.38
C ILE A 157 4.31 4.66 -18.99
N LYS A 158 3.80 3.71 -18.20
CA LYS A 158 3.36 3.93 -16.83
C LYS A 158 3.37 2.61 -16.13
N SER A 159 3.31 2.61 -14.78
CA SER A 159 3.34 1.36 -14.02
C SER A 159 2.10 0.47 -14.23
N ALA A 160 0.97 1.02 -14.66
CA ALA A 160 -0.21 0.21 -14.96
C ALA A 160 0.02 -0.59 -16.26
N ASN A 161 0.92 -0.10 -17.13
CA ASN A 161 1.26 -0.71 -18.41
C ASN A 161 2.53 -1.57 -18.36
N ILE A 162 2.95 -1.96 -17.16
CA ILE A 162 4.06 -2.88 -16.93
C ILE A 162 3.44 -4.04 -16.17
N LEU A 163 3.21 -5.12 -16.89
CA LEU A 163 2.57 -6.32 -16.39
C LEU A 163 3.59 -7.37 -15.92
N LEU A 164 3.15 -8.26 -15.03
CA LEU A 164 4.06 -9.23 -14.39
C LEU A 164 3.55 -10.67 -14.43
N ASP A 165 4.45 -11.61 -14.77
CA ASP A 165 4.14 -13.05 -14.77
C ASP A 165 4.41 -13.65 -13.39
N GLU A 166 4.31 -15.01 -13.26
CA GLU A 166 4.55 -15.79 -12.03
C GLU A 166 5.93 -15.47 -11.45
N ALA A 167 6.95 -15.36 -12.32
CA ALA A 167 8.33 -15.09 -11.94
C ALA A 167 8.66 -13.58 -11.81
N PHE A 168 7.63 -12.70 -11.90
CA PHE A 168 7.82 -11.25 -11.82
C PHE A 168 8.67 -10.67 -12.95
N THR A 169 8.57 -11.29 -14.14
CA THR A 169 9.22 -10.81 -15.35
C THR A 169 8.33 -9.65 -15.83
N ALA A 170 8.94 -8.47 -16.06
CA ALA A 170 8.25 -7.27 -16.56
C ALA A 170 7.84 -7.50 -18.00
N LYS A 171 6.61 -7.10 -18.28
CA LYS A 171 6.03 -7.22 -19.59
C LYS A 171 5.22 -5.94 -19.95
N ILE A 172 5.77 -5.11 -20.86
CA ILE A 172 5.16 -3.87 -21.36
C ILE A 172 3.85 -4.22 -22.09
N SER A 173 2.76 -3.52 -21.77
CA SER A 173 1.46 -3.69 -22.40
C SER A 173 0.95 -2.35 -22.96
N ASP A 174 -0.26 -2.38 -23.59
CA ASP A 174 -1.00 -1.25 -24.15
C ASP A 174 -0.26 -0.50 -25.24
N PHE A 175 -0.40 -0.96 -26.49
CA PHE A 175 0.23 -0.39 -27.67
C PHE A 175 -0.76 0.34 -28.60
N GLY A 176 -1.95 0.66 -28.08
CA GLY A 176 -3.00 1.35 -28.82
C GLY A 176 -2.62 2.75 -29.30
N LEU A 177 -1.69 3.40 -28.57
CA LEU A 177 -1.14 4.73 -28.86
C LEU A 177 0.24 4.65 -29.51
N ALA A 178 0.82 3.44 -29.65
CA ALA A 178 2.16 3.22 -30.21
C ALA A 178 2.36 3.76 -31.62
N ARG A 179 3.55 4.33 -31.90
CA ARG A 179 3.86 4.90 -33.21
C ARG A 179 5.23 4.51 -33.70
N ALA A 180 5.34 4.26 -35.01
CA ALA A 180 6.60 3.96 -35.68
C ALA A 180 7.36 5.28 -35.91
N SER A 181 8.69 5.26 -35.69
CA SER A 181 9.57 6.42 -35.84
C SER A 181 10.42 6.32 -37.12
N GLN A 186 14.60 13.02 -33.13
CA GLN A 186 13.92 13.09 -31.84
C GLN A 186 12.90 14.24 -31.80
N THR A 187 12.18 14.50 -32.93
CA THR A 187 11.18 15.58 -33.06
C THR A 187 10.14 15.43 -34.21
N VAL A 188 9.00 14.78 -33.93
CA VAL A 188 7.84 14.62 -34.82
C VAL A 188 6.68 15.42 -34.16
N MET A 189 5.58 15.71 -34.87
CA MET A 189 4.49 16.48 -34.27
C MET A 189 3.10 15.91 -34.52
N TPO A 190 2.16 16.16 -33.62
CA TPO A 190 0.84 15.58 -33.77
CB TPO A 190 0.56 14.56 -32.68
CG2 TPO A 190 0.58 15.21 -31.30
OG1 TPO A 190 -0.71 13.96 -32.90
P TPO A 190 -1.08 13.29 -34.32
O1P TPO A 190 -1.64 11.95 -33.95
O2P TPO A 190 0.24 13.24 -35.03
O3P TPO A 190 -2.09 14.22 -34.92
C TPO A 190 -0.23 16.64 -33.88
O TPO A 190 -0.65 16.91 -35.02
N SEP A 191 -0.66 17.24 -32.78
CA SEP A 191 -2.01 17.76 -32.59
CB SEP A 191 -2.64 18.32 -33.87
OG SEP A 191 -3.84 17.65 -34.28
C SEP A 191 -2.88 16.72 -31.95
O SEP A 191 -2.73 15.52 -32.24
P SEP A 191 -4.12 17.30 -35.83
O1P SEP A 191 -5.32 16.38 -35.81
O2P SEP A 191 -2.85 16.64 -36.30
O3P SEP A 191 -4.38 18.64 -36.47
N ARG A 192 -3.79 17.15 -31.08
CA ARG A 192 -4.49 16.22 -30.19
C ARG A 192 -3.50 15.42 -29.37
N ILE A 193 -3.34 15.80 -28.11
CA ILE A 193 -2.40 15.14 -27.23
C ILE A 193 -3.02 13.91 -26.59
N VAL A 194 -2.35 12.77 -26.72
CA VAL A 194 -2.83 11.52 -26.09
C VAL A 194 -1.81 10.87 -25.15
N GLY A 195 -2.34 10.40 -24.02
CA GLY A 195 -1.59 9.71 -22.97
C GLY A 195 -2.10 9.97 -21.57
N THR A 196 -1.25 9.65 -20.57
CA THR A 196 -1.50 9.83 -19.13
C THR A 196 -0.59 10.95 -18.62
N THR A 197 -1.22 12.11 -18.30
CA THR A 197 -0.56 13.36 -17.87
C THR A 197 0.42 13.24 -16.71
N ALA A 198 0.07 12.43 -15.67
CA ALA A 198 0.96 12.21 -14.49
C ALA A 198 2.36 11.70 -14.86
N TYR A 199 2.45 11.03 -16.00
CA TYR A 199 3.64 10.40 -16.51
C TYR A 199 4.27 11.12 -17.69
N MET A 200 3.47 11.94 -18.39
CA MET A 200 3.88 12.64 -19.61
C MET A 200 5.02 13.64 -19.48
N ALA A 201 5.95 13.54 -20.44
CA ALA A 201 7.11 14.43 -20.59
C ALA A 201 6.65 15.82 -21.02
N PRO A 202 7.38 16.91 -20.63
CA PRO A 202 6.94 18.27 -21.03
C PRO A 202 6.64 18.43 -22.53
N GLU A 203 7.57 17.96 -23.40
CA GLU A 203 7.40 17.99 -24.86
C GLU A 203 6.17 17.22 -25.36
N ALA A 204 5.85 16.07 -24.72
CA ALA A 204 4.72 15.20 -25.05
C ALA A 204 3.38 15.90 -24.83
N LEU A 205 3.32 16.77 -23.79
CA LEU A 205 2.13 17.56 -23.46
C LEU A 205 1.96 18.69 -24.49
N ARG A 206 3.01 18.94 -25.30
CA ARG A 206 3.02 19.98 -26.32
C ARG A 206 2.93 19.45 -27.79
N GLY A 207 2.81 18.14 -27.96
CA GLY A 207 2.63 17.56 -29.29
C GLY A 207 3.78 16.78 -29.86
N GLU A 208 4.99 16.95 -29.31
CA GLU A 208 6.19 16.25 -29.76
C GLU A 208 6.10 14.75 -29.55
N ILE A 209 6.29 13.99 -30.65
CA ILE A 209 6.33 12.54 -30.64
C ILE A 209 7.80 12.17 -30.76
N THR A 210 8.43 11.83 -29.62
CA THR A 210 9.83 11.43 -29.60
C THR A 210 10.08 10.23 -28.65
N PRO A 211 10.97 9.28 -29.02
CA PRO A 211 11.29 8.17 -28.09
C PRO A 211 11.83 8.68 -26.75
N LYS A 212 12.38 9.89 -26.73
CA LYS A 212 12.91 10.52 -25.51
C LYS A 212 11.80 10.75 -24.46
N SER A 213 10.53 10.92 -24.90
CA SER A 213 9.38 11.08 -24.01
C SER A 213 9.16 9.79 -23.18
N ASP A 214 9.33 8.60 -23.82
CA ASP A 214 9.22 7.27 -23.21
C ASP A 214 10.17 7.13 -22.01
N ILE A 215 11.41 7.63 -22.14
CA ILE A 215 12.46 7.65 -21.11
C ILE A 215 12.00 8.48 -19.89
N TYR A 216 11.48 9.70 -20.15
CA TYR A 216 10.98 10.56 -19.08
C TYR A 216 9.97 9.77 -18.24
N SER A 217 8.96 9.18 -18.90
CA SER A 217 7.91 8.38 -18.29
C SER A 217 8.47 7.24 -17.45
N PHE A 218 9.53 6.57 -17.94
CA PHE A 218 10.23 5.50 -17.24
C PHE A 218 10.87 5.98 -15.94
N GLY A 219 11.28 7.25 -15.90
CA GLY A 219 11.82 7.86 -14.68
C GLY A 219 10.76 7.99 -13.61
N VAL A 220 9.53 8.30 -14.03
CA VAL A 220 8.38 8.43 -13.13
C VAL A 220 8.12 7.04 -12.53
N VAL A 221 8.18 5.99 -13.38
CA VAL A 221 8.04 4.59 -12.99
C VAL A 221 9.12 4.25 -11.98
N LEU A 222 10.39 4.62 -12.26
CA LEU A 222 11.49 4.36 -11.31
C LEU A 222 11.27 4.99 -9.94
N LEU A 223 10.64 6.18 -9.88
CA LEU A 223 10.34 6.82 -8.60
C LEU A 223 9.24 6.07 -7.87
N GLU A 224 8.24 5.54 -8.62
CA GLU A 224 7.15 4.75 -8.03
C GLU A 224 7.75 3.48 -7.45
N ILE A 225 8.72 2.86 -8.16
CA ILE A 225 9.41 1.65 -7.70
C ILE A 225 10.16 1.92 -6.38
N ILE A 226 10.90 3.05 -6.31
CA ILE A 226 11.67 3.43 -5.11
C ILE A 226 10.77 3.68 -3.89
N THR A 227 9.71 4.45 -4.10
CA THR A 227 8.81 4.95 -3.04
C THR A 227 7.60 4.11 -2.75
N GLY A 228 7.16 3.30 -3.72
CA GLY A 228 5.94 2.52 -3.60
C GLY A 228 4.72 3.43 -3.70
N LEU A 229 4.94 4.68 -4.14
CA LEU A 229 3.91 5.71 -4.24
C LEU A 229 3.42 5.89 -5.67
N PRO A 230 2.09 6.04 -5.89
CA PRO A 230 1.59 6.30 -7.26
C PRO A 230 2.02 7.71 -7.73
N ALA A 231 2.29 7.86 -9.05
CA ALA A 231 2.74 9.12 -9.66
C ALA A 231 1.92 10.36 -9.17
N VAL A 232 0.61 10.19 -9.08
CA VAL A 232 -0.29 11.22 -8.61
C VAL A 232 -1.29 10.59 -7.63
N ASP A 233 -1.59 11.30 -6.54
CA ASP A 233 -2.54 10.90 -5.51
C ASP A 233 -3.24 12.15 -4.98
N GLU A 234 -4.56 12.27 -5.26
CA GLU A 234 -5.38 13.42 -4.87
C GLU A 234 -5.41 13.66 -3.35
N HIS A 235 -5.39 12.57 -2.57
CA HIS A 235 -5.44 12.62 -1.11
C HIS A 235 -4.05 12.50 -0.45
N ARG A 236 -3.01 13.09 -1.10
CA ARG A 236 -1.63 13.05 -0.63
C ARG A 236 -0.97 14.42 -0.71
N GLU A 237 0.02 14.65 0.18
CA GLU A 237 0.81 15.87 0.24
C GLU A 237 2.30 15.52 0.07
N PRO A 238 2.92 15.85 -1.09
CA PRO A 238 2.36 16.51 -2.29
C PRO A 238 1.58 15.54 -3.17
N GLN A 239 0.62 16.05 -3.94
CA GLN A 239 -0.19 15.24 -4.86
C GLN A 239 0.66 14.48 -5.88
N LEU A 240 1.66 15.15 -6.44
CA LEU A 240 2.54 14.66 -7.48
C LEU A 240 3.87 14.19 -6.95
N LEU A 241 4.27 13.00 -7.39
CA LEU A 241 5.53 12.35 -7.05
C LEU A 241 6.73 13.15 -7.62
N LEU A 242 6.48 13.95 -8.69
CA LEU A 242 7.53 14.79 -9.28
C LEU A 242 7.93 15.94 -8.36
N ASP A 243 6.99 16.43 -7.52
CA ASP A 243 7.23 17.49 -6.51
C ASP A 243 8.20 16.99 -5.44
N ILE A 244 8.19 15.68 -5.14
CA ILE A 244 9.12 15.10 -4.16
C ILE A 244 10.52 15.02 -4.78
N LYS A 245 10.62 14.92 -6.12
CA LYS A 245 11.90 14.90 -6.83
C LYS A 245 12.56 16.28 -6.69
N GLU A 246 11.74 17.36 -6.75
CA GLU A 246 12.15 18.77 -6.57
C GLU A 246 12.74 18.97 -5.16
N GLU A 247 12.01 18.48 -4.13
CA GLU A 247 12.39 18.51 -2.71
C GLU A 247 13.73 17.83 -2.43
N ILE A 248 14.09 16.79 -3.20
CA ILE A 248 15.37 16.08 -3.05
C ILE A 248 16.49 16.93 -3.67
N GLU A 249 16.26 17.43 -4.90
CA GLU A 249 17.20 18.26 -5.66
C GLU A 249 17.37 19.68 -5.04
N ASP A 250 16.45 20.09 -4.12
CA ASP A 250 16.47 21.36 -3.39
C ASP A 250 16.71 21.19 -1.87
N GLU A 251 17.43 20.10 -1.49
CA GLU A 251 17.84 19.72 -0.13
C GLU A 251 16.80 19.78 1.00
N GLU A 252 15.51 20.05 0.67
CA GLU A 252 14.40 20.14 1.64
C GLU A 252 14.05 18.76 2.24
N LYS A 253 14.47 17.68 1.54
CA LYS A 253 14.31 16.26 1.87
C LYS A 253 15.35 15.43 1.09
N THR A 254 15.55 14.15 1.46
CA THR A 254 16.48 13.25 0.77
C THR A 254 15.74 12.01 0.19
N ILE A 255 16.45 11.15 -0.57
CA ILE A 255 15.82 9.95 -1.11
C ILE A 255 15.44 8.96 -0.02
N GLU A 256 16.28 8.86 1.03
CA GLU A 256 16.05 8.01 2.21
C GLU A 256 14.77 8.35 2.92
N ASP A 257 14.35 9.64 2.87
CA ASP A 257 13.11 10.14 3.46
C ASP A 257 11.89 9.62 2.69
N TYR A 258 12.13 8.99 1.53
CA TYR A 258 11.05 8.49 0.68
C TYR A 258 11.13 7.02 0.26
N ILE A 259 12.26 6.32 0.57
CA ILE A 259 12.42 4.89 0.24
C ILE A 259 11.25 4.13 0.85
N ASP A 260 10.57 3.30 0.04
CA ASP A 260 9.41 2.53 0.46
C ASP A 260 9.69 1.78 1.76
N LYS A 261 8.92 2.12 2.80
CA LYS A 261 9.01 1.52 4.12
C LYS A 261 8.57 0.05 4.13
N LYS A 262 7.85 -0.40 3.08
CA LYS A 262 7.38 -1.78 2.91
C LYS A 262 8.47 -2.75 2.35
N MET A 263 9.75 -2.40 2.50
CA MET A 263 10.86 -3.27 2.02
C MET A 263 11.80 -3.54 3.17
N ASN A 264 12.55 -4.65 3.15
CA ASN A 264 13.57 -4.85 4.18
C ASN A 264 14.94 -5.06 3.56
N ASP A 265 14.95 -5.62 2.33
CA ASP A 265 16.16 -5.94 1.57
C ASP A 265 16.74 -4.75 0.82
N ALA A 266 16.15 -3.54 1.01
CA ALA A 266 16.57 -2.32 0.32
C ALA A 266 17.80 -1.69 0.94
N ASP A 267 18.88 -1.57 0.16
CA ASP A 267 20.14 -0.97 0.60
C ASP A 267 20.27 0.37 -0.07
N SER A 268 20.47 1.43 0.72
CA SER A 268 20.60 2.81 0.24
C SER A 268 21.56 2.99 -0.93
N THR A 269 22.58 2.09 -1.03
CA THR A 269 23.57 2.06 -2.11
C THR A 269 22.86 1.95 -3.46
N SER A 270 22.23 0.78 -3.74
CA SER A 270 21.51 0.50 -5.00
C SER A 270 20.24 1.35 -5.16
N VAL A 271 19.64 1.80 -4.04
CA VAL A 271 18.46 2.68 -4.08
C VAL A 271 18.89 4.04 -4.65
N GLU A 272 20.03 4.60 -4.17
CA GLU A 272 20.56 5.89 -4.67
C GLU A 272 20.96 5.79 -6.15
N ALA A 273 21.42 4.59 -6.57
CA ALA A 273 21.81 4.28 -7.95
C ALA A 273 20.57 4.34 -8.88
N MET A 274 19.43 3.71 -8.46
CA MET A 274 18.18 3.74 -9.22
C MET A 274 17.65 5.18 -9.28
N TYR A 275 17.79 5.94 -8.16
CA TYR A 275 17.40 7.35 -8.14
C TYR A 275 18.27 8.20 -9.09
N SER A 276 19.58 7.89 -9.20
CA SER A 276 20.48 8.59 -10.11
C SER A 276 19.97 8.39 -11.56
N VAL A 277 19.66 7.15 -11.95
CA VAL A 277 19.10 6.80 -13.27
C VAL A 277 17.80 7.59 -13.49
N ALA A 278 16.84 7.52 -12.52
CA ALA A 278 15.56 8.22 -12.56
C ALA A 278 15.76 9.71 -12.81
N SER A 279 16.69 10.34 -12.05
CA SER A 279 17.02 11.76 -12.15
C SER A 279 17.45 12.15 -13.57
N GLN A 280 18.27 11.32 -14.24
CA GLN A 280 18.74 11.52 -15.62
C GLN A 280 17.58 11.38 -16.62
N CYS A 281 16.70 10.37 -16.38
CA CYS A 281 15.50 10.09 -17.18
C CYS A 281 14.60 11.30 -17.12
N LEU A 282 14.56 11.99 -15.95
CA LEU A 282 13.68 13.13 -15.67
C LEU A 282 14.19 14.52 -16.02
N HIS A 283 15.25 14.59 -16.85
CA HIS A 283 15.79 15.85 -17.34
C HIS A 283 14.73 16.51 -18.20
N GLU A 284 14.42 17.75 -17.80
CA GLU A 284 13.46 18.69 -18.37
C GLU A 284 13.66 18.84 -19.90
N LYS A 285 14.93 18.94 -20.34
CA LYS A 285 15.35 19.06 -21.74
C LYS A 285 15.66 17.67 -22.33
N LYS A 286 14.77 17.20 -23.22
CA LYS A 286 14.82 15.88 -23.88
C LYS A 286 16.18 15.37 -24.37
N ASN A 287 17.03 16.27 -24.87
CA ASN A 287 18.35 15.86 -25.39
C ASN A 287 19.35 15.62 -24.28
N LYS A 288 19.07 16.14 -23.05
CA LYS A 288 19.93 15.94 -21.88
C LYS A 288 19.64 14.58 -21.22
N ARG A 289 18.51 13.92 -21.61
CA ARG A 289 18.08 12.60 -21.12
C ARG A 289 18.89 11.47 -21.76
N PRO A 290 19.19 10.34 -21.04
CA PRO A 290 19.92 9.24 -21.68
C PRO A 290 19.03 8.41 -22.61
N ASP A 291 19.64 7.71 -23.59
CA ASP A 291 18.87 6.85 -24.49
C ASP A 291 18.56 5.55 -23.74
N ILE A 292 17.68 4.70 -24.30
CA ILE A 292 17.33 3.44 -23.63
C ILE A 292 18.52 2.50 -23.33
N LYS A 293 19.46 2.33 -24.31
CA LYS A 293 20.67 1.52 -24.15
C LYS A 293 21.55 2.00 -22.96
N LYS A 294 21.61 3.32 -22.72
CA LYS A 294 22.36 3.87 -21.59
C LYS A 294 21.62 3.56 -20.27
N VAL A 295 20.28 3.71 -20.27
CA VAL A 295 19.41 3.41 -19.10
C VAL A 295 19.63 1.93 -18.71
N GLN A 296 19.65 1.03 -19.73
CA GLN A 296 19.90 -0.40 -19.57
C GLN A 296 21.25 -0.60 -18.88
N GLN A 297 22.33 0.08 -19.38
CA GLN A 297 23.70 0.01 -18.84
C GLN A 297 23.75 0.36 -17.36
N LEU A 298 23.15 1.50 -16.98
CA LEU A 298 23.10 2.00 -15.60
C LEU A 298 22.31 1.09 -14.64
N LEU A 299 21.30 0.38 -15.15
CA LEU A 299 20.50 -0.55 -14.34
C LEU A 299 21.21 -1.89 -14.15
N GLN A 300 21.98 -2.34 -15.15
CA GLN A 300 22.78 -3.57 -15.08
C GLN A 300 24.02 -3.31 -14.18
N GLU A 301 24.47 -2.04 -14.11
CA GLU A 301 25.58 -1.55 -13.28
C GLU A 301 25.16 -1.51 -11.81
N MET A 302 23.89 -1.17 -11.57
CA MET A 302 23.23 -1.06 -10.27
C MET A 302 23.24 -2.40 -9.49
N THR A 303 23.15 -3.54 -10.22
CA THR A 303 23.12 -4.88 -9.62
C THR A 303 24.44 -5.64 -9.83
N PHE B 10 7.18 -14.31 40.65
CA PHE B 10 7.68 -13.02 40.19
C PHE B 10 9.15 -13.12 39.75
N HIS B 11 9.52 -12.41 38.65
CA HIS B 11 10.89 -12.41 38.10
C HIS B 11 11.31 -11.06 37.49
N SER B 12 12.64 -10.79 37.49
CA SER B 12 13.28 -9.59 36.92
C SER B 12 14.78 -9.84 36.61
N PHE B 13 15.44 -8.91 35.85
CA PHE B 13 16.86 -9.07 35.46
C PHE B 13 17.71 -7.77 35.56
N SER B 14 19.05 -7.92 35.42
CA SER B 14 20.07 -6.86 35.46
C SER B 14 20.16 -6.09 34.13
N PHE B 15 20.97 -5.00 34.08
CA PHE B 15 21.13 -4.15 32.90
C PHE B 15 22.55 -4.10 32.30
N TYR B 16 23.45 -5.03 32.72
CA TYR B 16 24.83 -5.06 32.20
C TYR B 16 24.98 -5.94 30.95
N GLU B 17 24.44 -7.17 31.03
CA GLU B 17 24.43 -8.20 29.98
C GLU B 17 23.51 -7.80 28.84
N LEU B 18 22.58 -6.86 29.11
CA LEU B 18 21.62 -6.34 28.14
C LEU B 18 22.33 -5.58 27.05
N LYS B 19 23.31 -4.71 27.41
CA LYS B 19 24.10 -3.93 26.44
C LYS B 19 24.62 -4.87 25.34
N ASN B 20 25.37 -5.94 25.68
CA ASN B 20 25.86 -6.89 24.68
C ASN B 20 24.74 -7.69 23.98
N VAL B 21 23.64 -8.02 24.71
CA VAL B 21 22.47 -8.75 24.21
C VAL B 21 21.74 -7.95 23.11
N THR B 22 21.85 -6.60 23.15
CA THR B 22 21.23 -5.67 22.22
C THR B 22 22.26 -5.01 21.27
N ASN B 23 23.49 -5.57 21.19
CA ASN B 23 24.62 -5.06 20.39
C ASN B 23 24.89 -3.56 20.73
N ASN B 24 25.09 -3.32 22.04
CA ASN B 24 25.31 -2.02 22.68
C ASN B 24 24.17 -1.06 22.34
N PHE B 25 22.91 -1.51 22.58
CA PHE B 25 21.66 -0.80 22.27
C PHE B 25 21.75 -0.16 20.88
N ASP B 26 21.98 -1.01 19.85
CA ASP B 26 22.14 -0.60 18.44
C ASP B 26 20.84 -0.01 17.90
N GLU B 27 20.70 1.32 18.05
CA GLU B 27 19.53 2.09 17.63
C GLU B 27 19.18 1.92 16.12
N ARG B 28 20.05 1.19 15.38
CA ARG B 28 19.85 0.84 13.98
C ARG B 28 18.71 -0.19 13.88
N PRO B 29 17.84 -0.13 12.85
CA PRO B 29 16.71 -1.08 12.77
C PRO B 29 17.11 -2.53 12.49
N ILE B 30 16.20 -3.48 12.76
CA ILE B 30 16.28 -4.94 12.57
C ILE B 30 16.36 -5.67 13.91
N GLY B 34 21.02 -3.37 14.21
CA GLY B 34 20.24 -4.58 13.95
C GLY B 34 19.46 -4.99 15.21
N ASN B 35 19.04 -3.97 16.00
CA ASN B 35 18.31 -4.22 17.24
C ASN B 35 17.03 -3.40 17.46
N LYS B 36 16.95 -2.13 16.96
CA LYS B 36 15.75 -1.30 17.12
C LYS B 36 14.51 -1.87 16.43
N MET B 37 13.49 -2.14 17.26
CA MET B 37 12.20 -2.67 16.82
C MET B 37 11.10 -1.59 16.81
N GLY B 38 11.33 -0.51 17.56
CA GLY B 38 10.38 0.60 17.63
C GLY B 38 10.68 1.57 18.76
N GLU B 39 9.94 2.68 18.78
CA GLU B 39 10.07 3.76 19.77
C GLU B 39 8.79 4.60 19.79
N GLY B 40 8.89 5.85 20.28
CA GLY B 40 7.76 6.78 20.22
C GLY B 40 7.19 7.27 21.53
N GLY B 41 6.79 6.33 22.40
CA GLY B 41 6.19 6.63 23.69
C GLY B 41 7.20 7.21 24.66
N PHE B 42 7.42 6.50 25.76
CA PHE B 42 8.41 6.96 26.74
C PHE B 42 9.67 6.08 26.74
N GLY B 43 10.06 5.62 25.55
CA GLY B 43 11.24 4.79 25.37
C GLY B 43 11.48 4.19 23.99
N VAL B 44 12.56 3.41 23.87
CA VAL B 44 12.95 2.71 22.65
C VAL B 44 12.99 1.20 22.96
N VAL B 45 12.42 0.37 22.05
CA VAL B 45 12.35 -1.08 22.18
C VAL B 45 13.42 -1.74 21.30
N TYR B 46 14.19 -2.67 21.90
CA TYR B 46 15.29 -3.40 21.24
C TYR B 46 15.06 -4.92 21.23
N LYS B 47 15.64 -5.58 20.21
CA LYS B 47 15.60 -7.04 20.05
C LYS B 47 16.76 -7.64 20.83
N GLY B 48 16.45 -8.54 21.75
CA GLY B 48 17.46 -9.21 22.56
C GLY B 48 17.33 -10.73 22.55
N TYR B 49 18.47 -11.44 22.56
CA TYR B 49 18.48 -12.90 22.59
C TYR B 49 19.08 -13.40 23.90
N VAL B 50 18.21 -13.83 24.86
CA VAL B 50 18.63 -14.33 26.19
C VAL B 50 18.49 -15.86 26.31
N THR B 53 15.76 -18.17 23.41
CA THR B 53 14.56 -17.38 23.64
C THR B 53 14.80 -15.85 23.52
N THR B 54 14.21 -15.26 22.47
CA THR B 54 14.28 -13.87 22.03
C THR B 54 13.39 -12.99 22.90
N VAL B 55 13.87 -11.78 23.23
CA VAL B 55 13.16 -10.82 24.10
C VAL B 55 13.08 -9.41 23.52
N ALA B 56 12.14 -8.61 24.06
CA ALA B 56 11.97 -7.21 23.73
C ALA B 56 12.40 -6.38 24.95
N VAL B 57 13.43 -5.55 24.77
CA VAL B 57 13.96 -4.72 25.84
C VAL B 57 13.52 -3.28 25.62
N LYS B 58 12.63 -2.77 26.50
CA LYS B 58 12.20 -1.38 26.40
C LYS B 58 13.04 -0.54 27.36
N LYS B 59 13.90 0.34 26.82
CA LYS B 59 14.73 1.24 27.61
C LYS B 59 14.08 2.62 27.64
N LEU B 60 13.46 2.96 28.82
CA LEU B 60 12.76 4.21 29.12
C LEU B 60 13.61 5.43 28.76
N GLU B 69 12.10 11.09 38.12
CA GLU B 69 11.02 10.63 38.99
C GLU B 69 9.78 10.24 38.18
N GLU B 70 9.39 11.06 37.20
CA GLU B 70 8.26 10.90 36.28
C GLU B 70 8.37 9.64 35.41
N LEU B 71 9.57 9.37 34.86
CA LEU B 71 9.87 8.16 34.06
C LEU B 71 9.87 6.95 35.02
N LYS B 72 10.51 7.10 36.21
CA LYS B 72 10.56 6.07 37.26
C LYS B 72 9.16 5.76 37.81
N GLN B 73 8.25 6.77 37.82
CA GLN B 73 6.86 6.62 38.27
C GLN B 73 6.12 5.66 37.33
N GLN B 74 6.38 5.79 36.02
CA GLN B 74 5.81 4.94 34.96
C GLN B 74 6.40 3.53 35.03
N PHE B 75 7.69 3.42 35.43
CA PHE B 75 8.41 2.15 35.58
C PHE B 75 7.76 1.30 36.68
N ASP B 76 7.54 1.91 37.86
CA ASP B 76 6.91 1.28 39.02
C ASP B 76 5.46 0.91 38.71
N GLN B 77 4.78 1.75 37.90
CA GLN B 77 3.40 1.56 37.47
C GLN B 77 3.29 0.41 36.47
N GLU B 78 4.22 0.33 35.49
CA GLU B 78 4.22 -0.75 34.50
C GLU B 78 4.34 -2.12 35.19
N ILE B 79 5.30 -2.25 36.14
CA ILE B 79 5.53 -3.48 36.91
C ILE B 79 4.31 -3.83 37.81
N LYS B 80 3.78 -2.81 38.54
CA LYS B 80 2.61 -2.94 39.43
C LYS B 80 1.38 -3.47 38.71
N VAL B 81 1.10 -2.98 37.48
CA VAL B 81 -0.04 -3.44 36.69
C VAL B 81 0.22 -4.83 36.09
N MET B 82 1.48 -5.08 35.68
CA MET B 82 1.95 -6.33 35.09
C MET B 82 1.86 -7.50 36.08
N ALA B 83 2.11 -7.21 37.37
CA ALA B 83 2.06 -8.20 38.44
C ALA B 83 0.63 -8.66 38.72
N LYS B 84 -0.34 -7.73 38.63
CA LYS B 84 -1.76 -8.00 38.89
C LYS B 84 -2.55 -8.39 37.64
N CYS B 85 -2.14 -7.87 36.45
CA CYS B 85 -2.85 -8.16 35.19
C CYS B 85 -2.06 -9.06 34.22
N GLN B 86 -2.37 -10.36 34.23
CA GLN B 86 -1.79 -11.38 33.35
C GLN B 86 -2.97 -11.99 32.63
N HIS B 87 -2.94 -11.97 31.28
CA HIS B 87 -4.04 -12.45 30.45
C HIS B 87 -3.56 -12.77 29.05
N GLU B 88 -4.30 -13.64 28.35
CA GLU B 88 -4.12 -14.11 26.97
C GLU B 88 -3.99 -12.93 25.96
N ASN B 89 -4.71 -11.82 26.23
CA ASN B 89 -4.69 -10.66 25.36
C ASN B 89 -3.95 -9.45 25.92
N LEU B 90 -2.92 -9.72 26.75
CA LEU B 90 -2.03 -8.69 27.29
C LEU B 90 -0.61 -9.20 27.16
N VAL B 91 0.35 -8.29 26.96
CA VAL B 91 1.79 -8.63 26.90
C VAL B 91 2.23 -9.19 28.25
N GLU B 92 3.34 -9.93 28.24
CA GLU B 92 3.89 -10.53 29.44
C GLU B 92 5.28 -9.95 29.72
N LEU B 93 5.46 -9.45 30.96
CA LEU B 93 6.72 -8.88 31.44
C LEU B 93 7.49 -9.91 32.29
N ASP B 102 19.02 4.87 33.86
CA ASP B 102 18.77 3.96 32.75
C ASP B 102 17.86 2.78 33.20
N LEU B 103 16.56 2.90 32.90
CA LEU B 103 15.53 1.93 33.28
C LEU B 103 15.08 1.07 32.09
N CYS B 104 15.12 -0.25 32.26
CA CYS B 104 14.75 -1.24 31.25
C CYS B 104 13.65 -2.19 31.70
N LEU B 105 12.80 -2.61 30.75
CA LEU B 105 11.74 -3.61 30.94
C LEU B 105 11.92 -4.71 29.89
N VAL B 106 11.87 -5.99 30.34
CA VAL B 106 12.05 -7.19 29.53
C VAL B 106 10.72 -7.91 29.27
N TYR B 107 10.17 -7.70 28.06
CA TYR B 107 8.91 -8.29 27.61
C TYR B 107 9.15 -9.45 26.63
N VAL B 108 8.12 -10.32 26.48
CA VAL B 108 8.11 -11.43 25.53
C VAL B 108 8.16 -10.85 24.10
N TYR B 109 9.06 -11.38 23.24
CA TYR B 109 9.25 -10.96 21.86
C TYR B 109 8.04 -11.32 21.02
N MET B 110 7.43 -10.29 20.39
CA MET B 110 6.25 -10.43 19.52
C MET B 110 6.70 -10.57 18.05
N PRO B 111 6.62 -11.81 17.48
CA PRO B 111 7.09 -12.01 16.09
C PRO B 111 6.37 -11.19 15.02
N ASN B 112 5.13 -10.76 15.30
CA ASN B 112 4.41 -9.92 14.35
C ASN B 112 4.33 -8.43 14.70
N GLY B 113 5.18 -7.96 15.61
CA GLY B 113 5.25 -6.57 16.05
C GLY B 113 3.93 -5.96 16.46
N SER B 114 3.71 -4.70 16.04
CA SER B 114 2.47 -3.98 16.33
C SER B 114 1.46 -4.01 15.18
N LEU B 115 0.17 -3.85 15.52
CA LEU B 115 -0.94 -3.79 14.57
C LEU B 115 -0.70 -2.62 13.61
N LEU B 116 -0.26 -1.45 14.15
CA LEU B 116 0.07 -0.28 13.35
C LEU B 116 1.08 -0.64 12.26
N ASP B 117 2.16 -1.34 12.62
CA ASP B 117 3.19 -1.73 11.66
C ASP B 117 2.73 -2.77 10.63
N ARG B 118 1.82 -3.69 11.04
CA ARG B 118 1.28 -4.69 10.13
C ARG B 118 0.25 -4.12 9.18
N LEU B 119 -0.54 -3.12 9.62
CA LEU B 119 -1.52 -2.47 8.75
C LEU B 119 -0.82 -1.62 7.65
N SER B 120 0.42 -1.17 7.92
CA SER B 120 1.19 -0.41 6.95
C SER B 120 2.18 -1.30 6.23
N CYS B 121 2.21 -2.61 6.55
CA CYS B 121 3.08 -3.61 5.93
C CYS B 121 4.55 -3.26 6.08
N LEU B 122 4.90 -2.68 7.24
CA LEU B 122 6.27 -2.28 7.54
C LEU B 122 7.19 -3.48 7.44
N ASP B 123 8.31 -3.29 6.71
CA ASP B 123 9.35 -4.29 6.46
C ASP B 123 8.97 -5.46 5.56
N GLY B 124 8.05 -5.22 4.62
CA GLY B 124 7.61 -6.21 3.65
C GLY B 124 6.66 -7.28 4.14
N THR B 125 6.04 -7.07 5.29
CA THR B 125 5.10 -8.07 5.78
C THR B 125 3.84 -8.11 4.91
N PRO B 126 3.32 -9.28 4.51
CA PRO B 126 2.10 -9.30 3.68
C PRO B 126 0.90 -8.63 4.37
N PRO B 127 -0.06 -8.01 3.64
CA PRO B 127 -1.20 -7.40 4.33
C PRO B 127 -2.01 -8.39 5.16
N LEU B 128 -2.59 -7.94 6.28
CA LEU B 128 -3.45 -8.76 7.14
C LEU B 128 -4.78 -9.01 6.46
N SER B 129 -5.20 -10.26 6.41
CA SER B 129 -6.49 -10.62 5.84
C SER B 129 -7.59 -10.04 6.70
N TRP B 130 -8.79 -9.93 6.18
CA TRP B 130 -9.95 -9.47 6.93
C TRP B 130 -10.25 -10.48 8.04
N HIS B 131 -9.98 -11.77 7.78
CA HIS B 131 -10.16 -12.84 8.75
C HIS B 131 -9.31 -12.59 10.00
N MET B 132 -8.00 -12.25 9.84
CA MET B 132 -7.10 -11.97 10.95
C MET B 132 -7.47 -10.67 11.65
N ARG B 133 -7.94 -9.68 10.88
CA ARG B 133 -8.38 -8.38 11.37
C ARG B 133 -9.52 -8.50 12.37
N CYS B 134 -10.49 -9.40 12.09
CA CYS B 134 -11.62 -9.68 12.99
C CYS B 134 -11.14 -10.40 14.24
N LYS B 135 -10.16 -11.31 14.09
CA LYS B 135 -9.56 -12.03 15.22
C LYS B 135 -8.85 -11.02 16.16
N ILE B 136 -8.09 -10.07 15.56
CA ILE B 136 -7.36 -9.02 16.28
C ILE B 136 -8.35 -8.14 17.05
N ALA B 137 -9.35 -7.59 16.35
CA ALA B 137 -10.37 -6.77 16.96
C ALA B 137 -11.00 -7.44 18.19
N GLN B 138 -11.28 -8.77 18.10
CA GLN B 138 -11.87 -9.56 19.19
C GLN B 138 -10.92 -9.65 20.37
N GLY B 139 -9.70 -10.09 20.09
CA GLY B 139 -8.65 -10.23 21.08
C GLY B 139 -8.33 -8.93 21.78
N ALA B 140 -8.21 -7.83 21.02
CA ALA B 140 -7.95 -6.51 21.58
C ALA B 140 -9.09 -6.10 22.51
N ALA B 141 -10.36 -6.33 22.11
CA ALA B 141 -11.53 -6.03 22.95
C ALA B 141 -11.54 -6.86 24.25
N ASN B 142 -11.12 -8.14 24.20
CA ASN B 142 -11.06 -9.03 25.37
C ASN B 142 -10.04 -8.56 26.41
N GLY B 143 -8.90 -8.05 25.93
CA GLY B 143 -7.83 -7.50 26.74
C GLY B 143 -8.29 -6.27 27.50
N ILE B 144 -9.10 -5.40 26.83
CA ILE B 144 -9.65 -4.18 27.44
C ILE B 144 -10.70 -4.59 28.49
N ASN B 145 -11.47 -5.67 28.22
CA ASN B 145 -12.47 -6.19 29.14
C ASN B 145 -11.81 -6.68 30.41
N PHE B 146 -10.72 -7.44 30.29
CA PHE B 146 -9.98 -7.93 31.44
C PHE B 146 -9.44 -6.78 32.31
N LEU B 147 -8.94 -5.69 31.68
CA LEU B 147 -8.40 -4.52 32.37
C LEU B 147 -9.51 -3.78 33.12
N HIS B 148 -10.67 -3.63 32.49
CA HIS B 148 -11.83 -2.95 33.07
C HIS B 148 -12.44 -3.78 34.21
N GLU B 149 -12.60 -5.12 34.03
CA GLU B 149 -13.08 -6.06 35.05
C GLU B 149 -12.20 -6.01 36.30
N ASN B 150 -10.92 -5.63 36.12
CA ASN B 150 -9.93 -5.48 37.19
C ASN B 150 -9.77 -4.04 37.65
N HIS B 151 -10.81 -3.21 37.38
CA HIS B 151 -10.91 -1.80 37.76
C HIS B 151 -9.70 -0.96 37.34
N HIS B 152 -9.35 -1.05 36.06
CA HIS B 152 -8.25 -0.30 35.49
C HIS B 152 -8.73 0.42 34.24
N ILE B 153 -7.95 1.43 33.83
CA ILE B 153 -8.13 2.24 32.62
C ILE B 153 -6.75 2.24 31.94
N HIS B 154 -6.69 1.89 30.65
CA HIS B 154 -5.43 1.81 29.93
C HIS B 154 -4.84 3.20 29.66
N ARG B 155 -5.69 4.16 29.21
CA ARG B 155 -5.33 5.55 28.91
C ARG B 155 -4.50 5.78 27.60
N ASP B 156 -3.98 4.70 26.97
CA ASP B 156 -3.18 4.83 25.76
C ASP B 156 -3.51 3.76 24.67
N ILE B 157 -4.81 3.44 24.53
CA ILE B 157 -5.29 2.50 23.53
C ILE B 157 -5.07 3.08 22.13
N LYS B 158 -4.22 2.42 21.37
CA LYS B 158 -3.88 2.77 20.00
C LYS B 158 -3.34 1.52 19.33
N SER B 159 -3.27 1.51 17.99
CA SER B 159 -2.78 0.35 17.24
C SER B 159 -1.29 0.04 17.47
N ALA B 160 -0.48 1.03 17.91
CA ALA B 160 0.93 0.78 18.21
C ALA B 160 1.03 -0.03 19.51
N ASN B 161 0.00 0.07 20.37
CA ASN B 161 -0.08 -0.61 21.66
C ASN B 161 -0.90 -1.91 21.62
N ILE B 162 -1.10 -2.46 20.41
CA ILE B 162 -1.74 -3.76 20.20
C ILE B 162 -0.70 -4.58 19.47
N LEU B 163 -0.06 -5.45 20.22
CA LEU B 163 1.02 -6.29 19.73
C LEU B 163 0.51 -7.67 19.27
N LEU B 164 1.28 -8.33 18.38
CA LEU B 164 0.86 -9.59 17.77
C LEU B 164 1.90 -10.71 17.82
N ASP B 165 1.46 -11.93 18.19
CA ASP B 165 2.31 -13.12 18.20
C ASP B 165 2.29 -13.81 16.82
N GLU B 166 2.93 -15.01 16.72
CA GLU B 166 3.01 -15.84 15.50
C GLU B 166 1.61 -16.12 14.94
N ALA B 167 0.64 -16.41 15.82
CA ALA B 167 -0.74 -16.70 15.47
C ALA B 167 -1.62 -15.47 15.31
N PHE B 168 -1.05 -14.25 15.37
CA PHE B 168 -1.79 -12.99 15.25
C PHE B 168 -2.80 -12.78 16.38
N THR B 169 -2.45 -13.27 17.59
CA THR B 169 -3.25 -13.07 18.78
C THR B 169 -2.90 -11.65 19.24
N ALA B 170 -3.95 -10.82 19.46
CA ALA B 170 -3.83 -9.44 19.92
C ALA B 170 -3.37 -9.46 21.38
N LYS B 171 -2.41 -8.60 21.73
CA LYS B 171 -1.92 -8.50 23.11
C LYS B 171 -1.57 -7.06 23.42
N ILE B 172 -2.45 -6.41 24.19
CA ILE B 172 -2.38 -5.02 24.66
C ILE B 172 -1.05 -4.81 25.39
N SER B 173 -0.33 -3.72 25.06
CA SER B 173 0.93 -3.35 25.69
C SER B 173 0.84 -1.91 26.23
N ASP B 174 1.95 -1.44 26.84
CA ASP B 174 2.16 -0.09 27.39
C ASP B 174 1.18 0.32 28.48
N PHE B 175 1.51 -0.05 29.73
CA PHE B 175 0.72 0.23 30.92
C PHE B 175 1.42 1.24 31.87
N GLY B 176 2.40 1.98 31.34
CA GLY B 176 3.14 2.99 32.09
C GLY B 176 2.33 4.18 32.56
N LEU B 177 1.42 4.71 31.71
CA LEU B 177 0.60 5.88 32.04
C LEU B 177 -0.72 5.57 32.76
N THR B 187 -2.72 23.32 31.62
CA THR B 187 -4.04 22.72 31.89
C THR B 187 -5.02 22.94 30.74
N VAL B 188 -6.23 22.37 30.89
CA VAL B 188 -7.35 22.38 29.96
C VAL B 188 -8.19 23.69 29.99
N MET B 189 -7.94 24.54 31.01
CA MET B 189 -8.59 25.85 31.16
C MET B 189 -7.75 26.96 30.50
N TPO B 190 -6.66 26.59 29.83
CA TPO B 190 -5.78 27.56 29.19
CB TPO B 190 -4.54 27.60 30.09
CG2 TPO B 190 -3.33 28.25 29.43
OG1 TPO B 190 -4.88 28.39 31.25
P TPO B 190 -4.70 27.68 32.64
O1P TPO B 190 -5.02 26.17 32.61
O2P TPO B 190 -5.65 28.37 33.67
O3P TPO B 190 -3.25 27.86 33.13
C TPO B 190 -5.55 27.23 27.72
O TPO B 190 -5.42 26.07 27.35
N SEP B 191 -5.53 28.27 26.87
CA SEP B 191 -5.27 28.16 25.43
CB SEP B 191 -5.25 29.52 24.74
OG SEP B 191 -6.25 30.47 25.22
C SEP B 191 -3.91 27.50 25.22
O SEP B 191 -2.95 27.83 25.92
P SEP B 191 -5.56 31.55 26.07
O1P SEP B 191 -6.56 32.59 26.46
O2P SEP B 191 -4.85 30.92 27.27
O3P SEP B 191 -4.64 32.42 25.28
N ARG B 192 -3.85 26.52 24.30
CA ARG B 192 -2.62 25.77 24.03
C ARG B 192 -2.62 25.10 22.66
N ILE B 193 -1.41 24.81 22.13
CA ILE B 193 -1.24 24.06 20.88
C ILE B 193 -1.46 22.58 21.24
N VAL B 194 -0.69 22.04 22.20
CA VAL B 194 -0.71 20.65 22.71
C VAL B 194 -1.98 19.85 22.35
N THR B 197 -6.32 15.27 19.50
CA THR B 197 -5.42 14.28 18.91
C THR B 197 -6.18 13.10 18.27
N ALA B 198 -5.43 12.23 17.56
CA ALA B 198 -5.89 11.08 16.82
C ALA B 198 -6.62 10.01 17.63
N TYR B 199 -6.10 9.61 18.82
CA TYR B 199 -6.83 8.54 19.52
C TYR B 199 -7.70 8.99 20.65
N MET B 200 -7.33 10.09 21.31
CA MET B 200 -8.00 10.63 22.49
C MET B 200 -9.45 11.02 22.37
N ALA B 201 -10.26 10.58 23.34
CA ALA B 201 -11.68 10.90 23.49
C ALA B 201 -11.87 12.37 23.86
N PRO B 202 -12.99 13.04 23.44
CA PRO B 202 -13.18 14.47 23.78
C PRO B 202 -12.97 14.80 25.26
N GLU B 203 -13.60 14.02 26.17
CA GLU B 203 -13.47 14.18 27.61
C GLU B 203 -12.04 14.04 28.11
N ALA B 204 -11.25 13.12 27.50
CA ALA B 204 -9.86 12.87 27.88
C ALA B 204 -9.00 14.10 27.62
N LEU B 205 -9.26 14.80 26.49
CA LEU B 205 -8.54 16.01 26.09
C LEU B 205 -8.89 17.16 27.02
N ARG B 206 -10.10 17.12 27.61
CA ARG B 206 -10.64 18.07 28.60
C ARG B 206 -10.30 17.60 30.06
N GLY B 207 -9.34 16.68 30.18
CA GLY B 207 -8.84 16.20 31.48
C GLY B 207 -9.48 14.98 32.12
N GLU B 208 -10.68 14.57 31.66
CA GLU B 208 -11.38 13.41 32.23
C GLU B 208 -10.67 12.08 31.98
N ILE B 209 -10.70 11.20 32.99
CA ILE B 209 -10.07 9.88 32.99
C ILE B 209 -11.12 8.85 33.45
N THR B 210 -11.83 8.30 32.46
CA THR B 210 -12.93 7.32 32.57
C THR B 210 -12.68 6.09 31.68
N PRO B 211 -13.09 4.86 32.09
CA PRO B 211 -12.93 3.70 31.20
C PRO B 211 -13.64 3.88 29.85
N LYS B 212 -14.66 4.77 29.79
CA LYS B 212 -15.38 5.07 28.56
C LYS B 212 -14.45 5.72 27.49
N SER B 213 -13.37 6.42 27.91
CA SER B 213 -12.39 7.01 27.01
C SER B 213 -11.66 5.91 26.22
N ASP B 214 -11.32 4.77 26.89
CA ASP B 214 -10.66 3.58 26.31
C ASP B 214 -11.47 3.03 25.13
N ILE B 215 -12.81 3.00 25.24
CA ILE B 215 -13.77 2.55 24.22
C ILE B 215 -13.68 3.45 22.99
N TYR B 216 -13.72 4.79 23.19
CA TYR B 216 -13.60 5.75 22.11
C TYR B 216 -12.34 5.43 21.28
N SER B 217 -11.18 5.32 21.97
CA SER B 217 -9.89 5.01 21.38
C SER B 217 -9.94 3.72 20.57
N PHE B 218 -10.63 2.69 21.08
CA PHE B 218 -10.81 1.41 20.40
C PHE B 218 -11.59 1.57 19.07
N GLY B 219 -12.52 2.51 19.03
CA GLY B 219 -13.25 2.83 17.81
C GLY B 219 -12.32 3.37 16.72
N VAL B 220 -11.29 4.17 17.11
CA VAL B 220 -10.27 4.72 16.22
C VAL B 220 -9.47 3.56 15.64
N VAL B 221 -9.09 2.59 16.52
CA VAL B 221 -8.39 1.36 16.17
C VAL B 221 -9.21 0.58 15.15
N LEU B 222 -10.53 0.43 15.40
CA LEU B 222 -11.41 -0.26 14.47
C LEU B 222 -11.44 0.39 13.08
N LEU B 223 -11.37 1.73 13.01
CA LEU B 223 -11.33 2.42 11.72
C LEU B 223 -10.01 2.17 10.99
N GLU B 224 -8.89 2.09 11.76
CA GLU B 224 -7.57 1.79 11.18
C GLU B 224 -7.59 0.39 10.61
N ILE B 225 -8.24 -0.56 11.33
CA ILE B 225 -8.38 -1.95 10.89
C ILE B 225 -9.17 -2.01 9.56
N ILE B 226 -10.29 -1.27 9.46
CA ILE B 226 -11.14 -1.26 8.27
C ILE B 226 -10.42 -0.68 7.04
N THR B 227 -9.75 0.47 7.23
CA THR B 227 -9.13 1.28 6.19
C THR B 227 -7.67 0.98 5.88
N GLY B 228 -6.96 0.42 6.86
CA GLY B 228 -5.53 0.19 6.76
C GLY B 228 -4.79 1.50 6.84
N LEU B 229 -5.50 2.57 7.25
CA LEU B 229 -4.95 3.91 7.37
C LEU B 229 -4.58 4.27 8.80
N PRO B 230 -3.42 4.92 9.02
CA PRO B 230 -3.07 5.35 10.38
C PRO B 230 -4.01 6.48 10.84
N ALA B 231 -4.36 6.52 12.15
CA ALA B 231 -5.26 7.53 12.74
C ALA B 231 -4.93 8.95 12.30
N VAL B 232 -3.63 9.28 12.24
CA VAL B 232 -3.19 10.57 11.76
C VAL B 232 -2.03 10.36 10.78
N ASP B 233 -2.02 11.14 9.68
CA ASP B 233 -0.98 11.10 8.65
C ASP B 233 -0.78 12.54 8.15
N GLU B 234 0.40 13.11 8.44
CA GLU B 234 0.76 14.49 8.08
C GLU B 234 0.71 14.74 6.57
N HIS B 235 1.09 13.74 5.77
CA HIS B 235 1.10 13.84 4.31
C HIS B 235 -0.16 13.25 3.64
N ARG B 236 -1.34 13.40 4.29
CA ARG B 236 -2.62 12.89 3.82
C ARG B 236 -3.74 13.92 3.93
N GLU B 237 -4.73 13.81 3.03
CA GLU B 237 -5.92 14.67 3.01
C GLU B 237 -7.18 13.77 3.12
N PRO B 238 -7.88 13.77 4.28
CA PRO B 238 -7.62 14.56 5.51
C PRO B 238 -6.54 13.94 6.37
N GLN B 239 -5.84 14.76 7.18
CA GLN B 239 -4.78 14.29 8.07
C GLN B 239 -5.30 13.25 9.06
N LEU B 240 -6.48 13.49 9.63
CA LEU B 240 -7.12 12.67 10.65
C LEU B 240 -8.17 11.74 10.09
N LEU B 241 -8.10 10.48 10.52
CA LEU B 241 -9.02 9.41 10.15
C LEU B 241 -10.43 9.69 10.71
N LEU B 242 -10.53 10.49 11.78
CA LEU B 242 -11.83 10.85 12.36
C LEU B 242 -12.64 11.77 11.44
N ASP B 243 -11.94 12.60 10.60
CA ASP B 243 -12.56 13.48 9.59
C ASP B 243 -13.26 12.65 8.52
N ILE B 244 -12.73 11.44 8.21
CA ILE B 244 -13.36 10.54 7.24
C ILE B 244 -14.63 9.91 7.85
N LYS B 245 -14.70 9.80 9.19
CA LYS B 245 -15.88 9.26 9.89
C LYS B 245 -17.02 10.27 9.76
N GLU B 246 -16.67 11.59 9.79
CA GLU B 246 -17.60 12.71 9.61
C GLU B 246 -18.21 12.66 8.20
N GLU B 247 -17.35 12.49 7.16
CA GLU B 247 -17.71 12.35 5.75
C GLU B 247 -18.69 11.20 5.49
N ILE B 248 -18.61 10.11 6.27
CA ILE B 248 -19.50 8.95 6.13
C ILE B 248 -20.87 9.31 6.72
N GLU B 249 -20.89 9.86 7.95
CA GLU B 249 -22.12 10.26 8.64
C GLU B 249 -22.85 11.38 7.85
N ASP B 250 -22.07 12.27 7.17
CA ASP B 250 -22.59 13.40 6.40
C ASP B 250 -22.75 13.12 4.88
N GLU B 251 -22.98 11.83 4.53
CA GLU B 251 -23.21 11.30 3.18
C GLU B 251 -22.26 11.76 2.03
N GLU B 252 -21.19 12.51 2.36
CA GLU B 252 -20.20 13.01 1.39
C GLU B 252 -19.31 11.88 0.83
N LYS B 253 -19.30 10.72 1.53
CA LYS B 253 -18.59 9.47 1.20
C LYS B 253 -19.24 8.32 1.98
N THR B 254 -18.91 7.06 1.64
CA THR B 254 -19.40 5.86 2.34
C THR B 254 -18.24 5.02 2.92
N ILE B 255 -18.55 3.95 3.69
CA ILE B 255 -17.50 3.09 4.25
C ILE B 255 -16.75 2.34 3.16
N GLU B 256 -17.48 1.91 2.10
CA GLU B 256 -16.94 1.19 0.93
C GLU B 256 -15.89 2.03 0.21
N ASP B 257 -16.03 3.37 0.26
CA ASP B 257 -15.08 4.31 -0.33
C ASP B 257 -13.76 4.33 0.42
N TYR B 258 -13.72 3.65 1.60
CA TYR B 258 -12.54 3.61 2.44
C TYR B 258 -12.04 2.22 2.86
N ILE B 259 -12.79 1.14 2.56
CA ILE B 259 -12.36 -0.24 2.89
C ILE B 259 -10.98 -0.49 2.29
N ASP B 260 -10.05 -0.99 3.11
CA ASP B 260 -8.68 -1.27 2.70
C ASP B 260 -8.64 -2.13 1.42
N LYS B 261 -8.05 -1.55 0.37
CA LYS B 261 -7.91 -2.20 -0.92
C LYS B 261 -6.91 -3.37 -0.90
N LYS B 262 -6.05 -3.43 0.15
CA LYS B 262 -5.05 -4.49 0.36
C LYS B 262 -5.65 -5.80 0.98
N MET B 263 -6.97 -6.02 0.84
CA MET B 263 -7.60 -7.22 1.36
C MET B 263 -8.18 -8.03 0.21
N ASN B 264 -8.14 -9.38 0.37
CA ASN B 264 -8.55 -10.44 -0.56
C ASN B 264 -9.67 -11.37 0.00
N ASP B 265 -10.26 -11.03 1.15
CA ASP B 265 -11.27 -11.83 1.83
C ASP B 265 -12.31 -10.97 2.52
N ALA B 266 -12.23 -9.65 2.27
CA ALA B 266 -13.14 -8.67 2.85
C ALA B 266 -14.52 -8.83 2.21
N ASP B 267 -15.57 -8.74 3.04
CA ASP B 267 -16.97 -8.74 2.60
C ASP B 267 -17.66 -7.57 3.24
N SER B 268 -18.27 -6.68 2.43
CA SER B 268 -18.96 -5.47 2.88
C SER B 268 -19.92 -5.70 4.05
N THR B 269 -20.49 -6.92 4.14
CA THR B 269 -21.40 -7.36 5.21
C THR B 269 -20.74 -7.16 6.58
N SER B 270 -19.68 -7.97 6.89
CA SER B 270 -18.94 -7.92 8.15
C SER B 270 -18.13 -6.63 8.32
N VAL B 271 -17.74 -5.98 7.20
CA VAL B 271 -17.02 -4.70 7.24
C VAL B 271 -17.98 -3.62 7.78
N GLU B 272 -19.24 -3.57 7.29
CA GLU B 272 -20.25 -2.61 7.76
C GLU B 272 -20.60 -2.86 9.24
N ALA B 273 -20.54 -4.14 9.68
CA ALA B 273 -20.78 -4.56 11.06
C ALA B 273 -19.69 -3.99 11.99
N MET B 274 -18.38 -4.11 11.61
CA MET B 274 -17.27 -3.56 12.36
C MET B 274 -17.38 -2.04 12.40
N TYR B 275 -17.81 -1.40 11.28
CA TYR B 275 -18.04 0.05 11.23
C TYR B 275 -19.18 0.48 12.15
N SER B 276 -20.24 -0.35 12.26
CA SER B 276 -21.36 -0.08 13.16
C SER B 276 -20.84 -0.02 14.61
N VAL B 277 -20.05 -1.04 15.03
CA VAL B 277 -19.41 -1.11 16.35
C VAL B 277 -18.54 0.15 16.58
N ALA B 278 -17.64 0.46 15.61
CA ALA B 278 -16.75 1.63 15.64
C ALA B 278 -17.54 2.92 15.86
N SER B 279 -18.65 3.09 15.10
CA SER B 279 -19.53 4.24 15.16
C SER B 279 -20.09 4.45 16.57
N GLN B 280 -20.49 3.36 17.25
CA GLN B 280 -21.03 3.39 18.62
C GLN B 280 -19.93 3.76 19.62
N CYS B 281 -18.71 3.21 19.45
CA CYS B 281 -17.55 3.53 20.31
C CYS B 281 -17.18 4.99 20.13
N LEU B 282 -17.43 5.55 18.94
CA LEU B 282 -17.08 6.94 18.63
C LEU B 282 -18.13 8.00 18.95
N HIS B 283 -19.14 7.65 19.78
CA HIS B 283 -20.14 8.61 20.24
C HIS B 283 -19.45 9.67 21.09
N GLU B 284 -19.61 10.96 20.75
CA GLU B 284 -18.94 12.05 21.48
C GLU B 284 -19.32 12.12 22.96
N LYS B 285 -20.58 11.81 23.25
CA LYS B 285 -21.11 11.76 24.61
C LYS B 285 -20.83 10.38 25.22
N LYS B 286 -19.83 10.31 26.11
CA LYS B 286 -19.33 9.12 26.79
C LYS B 286 -20.36 8.10 27.29
N ASN B 287 -21.52 8.57 27.78
CA ASN B 287 -22.54 7.66 28.30
C ASN B 287 -23.37 7.03 27.19
N LYS B 288 -23.32 7.61 25.95
CA LYS B 288 -24.00 7.07 24.78
C LYS B 288 -23.18 5.93 24.13
N ARG B 289 -21.89 5.79 24.54
CA ARG B 289 -20.96 4.75 24.07
C ARG B 289 -21.25 3.40 24.75
N PRO B 290 -21.03 2.24 24.05
CA PRO B 290 -21.26 0.95 24.73
C PRO B 290 -20.12 0.59 25.69
N ASP B 291 -20.39 -0.28 26.68
CA ASP B 291 -19.33 -0.72 27.61
C ASP B 291 -18.52 -1.80 26.89
N ILE B 292 -17.37 -2.21 27.47
CA ILE B 292 -16.53 -3.23 26.82
C ILE B 292 -17.23 -4.57 26.55
N LYS B 293 -18.02 -5.08 27.52
CA LYS B 293 -18.78 -6.33 27.37
C LYS B 293 -19.77 -6.28 26.19
N LYS B 294 -20.37 -5.10 25.91
CA LYS B 294 -21.28 -4.93 24.77
C LYS B 294 -20.46 -4.94 23.46
N VAL B 295 -19.29 -4.25 23.45
CA VAL B 295 -18.38 -4.19 22.30
C VAL B 295 -17.97 -5.63 21.94
N GLN B 296 -17.62 -6.44 22.97
CA GLN B 296 -17.27 -7.85 22.84
C GLN B 296 -18.41 -8.61 22.15
N GLN B 297 -19.66 -8.43 22.63
CA GLN B 297 -20.88 -9.06 22.10
C GLN B 297 -21.07 -8.79 20.61
N LEU B 298 -20.98 -7.50 20.21
CA LEU B 298 -21.15 -7.06 18.83
C LEU B 298 -20.05 -7.58 17.88
N LEU B 299 -18.84 -7.81 18.41
CA LEU B 299 -17.73 -8.33 17.62
C LEU B 299 -17.82 -9.84 17.43
N GLN B 300 -18.35 -10.57 18.45
CA GLN B 300 -18.57 -12.02 18.39
C GLN B 300 -19.78 -12.30 17.47
N GLU B 301 -20.73 -11.32 17.39
CA GLU B 301 -21.93 -11.35 16.56
C GLU B 301 -21.54 -11.19 15.08
N MET B 302 -20.51 -10.34 14.84
CA MET B 302 -19.95 -9.99 13.53
C MET B 302 -19.40 -11.23 12.78
N THR B 303 -18.84 -12.21 13.51
CA THR B 303 -18.27 -13.44 12.96
C THR B 303 -19.17 -14.68 13.14
N ALA B 304 -20.35 -14.52 13.78
CA ALA B 304 -21.29 -15.61 14.01
C ALA B 304 -22.72 -15.18 13.67
C13 ZVG C . -5.80 -5.13 -15.88
C18 ZVG C . -3.05 -4.80 -22.69
C17 ZVG C . -3.12 -5.81 -21.73
C16 ZVG C . -2.34 -6.97 -21.86
C15 ZVG C . -3.99 -5.72 -20.64
C11 ZVG C . -4.52 -5.33 -15.10
C12 ZVG C . -4.49 -4.45 -13.86
N6 ZVG C . -2.99 -3.99 -23.49
N4 ZVG C . -4.11 -6.70 -19.73
N5 ZVG C . -2.43 -7.98 -20.98
C14 ZVG C . -3.32 -7.80 -19.92
N3 ZVG C . -3.19 -8.81 -18.99
C8 ZVG C . -3.48 -8.91 -17.59
N1 ZVG C . -3.55 -10.17 -17.05
C7 ZVG C . -3.89 -10.27 -15.75
C9 ZVG C . -3.75 -7.72 -16.86
C10 ZVG C . -4.12 -7.84 -15.47
N2 ZVG C . -4.48 -6.74 -14.67
C6 ZVG C . -4.18 -9.16 -14.91
C5 ZVG C . -4.54 -9.40 -13.51
O1 ZVG C . -5.13 -8.53 -12.84
N ZVG C . -4.14 -10.63 -12.97
C4 ZVG C . -4.48 -11.04 -11.61
C3 ZVG C . -3.45 -10.67 -10.54
F ZVG C . -3.32 -9.27 -10.59
C ZVG C . -3.89 -11.10 -9.06
C2 ZVG C . -2.86 -10.71 -8.00
C1 ZVG C . -4.24 -12.57 -8.93
O ZVG C . -5.09 -10.31 -8.85
S SO4 D . -19.06 8.55 -31.44
O1 SO4 D . -20.45 8.08 -31.47
O2 SO4 D . -18.16 7.40 -31.44
O3 SO4 D . -18.79 9.39 -32.61
O4 SO4 D . -18.84 9.34 -30.21
C13 ZVG E . 8.09 -1.92 19.27
C18 ZVG E . 5.35 -2.70 25.96
C17 ZVG E . 5.83 -3.66 25.04
C16 ZVG E . 5.62 -5.05 25.22
C15 ZVG E . 6.61 -3.25 23.94
C11 ZVG E . 7.08 -2.69 18.45
C12 ZVG E . 6.76 -1.98 17.15
N6 ZVG E . 4.97 -1.90 26.70
N4 ZVG E . 7.15 -4.12 23.05
N5 ZVG E . 6.14 -5.98 24.39
C14 ZVG E . 6.90 -5.47 23.29
N3 ZVG E . 7.22 -6.47 22.37
C8 ZVG E . 7.56 -6.41 21.01
N1 ZVG E . 8.13 -7.54 20.46
C7 ZVG E . 8.50 -7.47 19.15
C9 ZVG E . 7.35 -5.21 20.27
C10 ZVG E . 7.75 -5.16 18.88
N2 ZVG E . 7.62 -4.02 18.09
C6 ZVG E . 8.34 -6.35 18.31
C5 ZVG E . 8.80 -6.43 16.91
O1 ZVG E . 9.00 -5.43 16.21
N ZVG E . 8.98 -7.70 16.40
C4 ZVG E . 9.48 -7.92 15.03
C3 ZVG E . 8.33 -8.08 13.96
F ZVG E . 7.53 -6.91 13.90
C ZVG E . 8.87 -8.44 12.51
C2 ZVG E . 7.78 -8.47 11.44
C1 ZVG E . 9.63 -9.75 12.52
O ZVG E . 9.80 -7.40 12.16
S SO4 F . -19.44 -7.95 -1.29
O1 SO4 F . -19.57 -9.07 -2.21
O2 SO4 F . -20.55 -8.02 -0.32
O3 SO4 F . -19.50 -6.71 -2.06
O4 SO4 F . -18.11 -8.01 -0.60
#